data_2YF0
#
_entry.id   2YF0
#
_cell.length_a   85.735
_cell.length_b   85.735
_cell.length_c   448.446
_cell.angle_alpha   90.00
_cell.angle_beta   90.00
_cell.angle_gamma   120.00
#
_symmetry.space_group_name_H-M   'P 64 2 2'
#
loop_
_entity.id
_entity.type
_entity.pdbx_description
1 polymer 'MYOTUBULARIN-RELATED PROTEIN 6'
2 non-polymer 'SULFATE ION'
3 water water
#
_entity_poly.entity_id   1
_entity_poly.type   'polypeptide(L)'
_entity_poly.pdbx_seq_one_letter_code
;MEHIRTTKVEQVKLLDRFSTSNKSLTGTLYLTATHLLFIDSHQKETWILHHHIASVEKLALTTSGCPLVIQCKNFRTVHF
IVPRERDCHDIYNSLLQLSKQAKYEDLYAFSYNPKQNDSERLQGWQLIDLAEEYKRMGVPNSHWQLSDANRDYKICETYP
RELYVPRIASKPIIVGSSKFRSKGRFPVLSYYHQDKEAAICRCSQPLSGFSARCLEDEHLLQAISKANPVNRYMYVMDTR
PKLNAMANRAAGKGYENEDNYSNIRFQFVGIENIHVMRSSLQKLLEVNGTKGLSVNDFYSGLESSGWLRHIKAVMDAAVF
LAKAITVENASVLVHCSDGWDRTSQVCSLGSLLLDSYYRTIKGFMVLIEKDWISFGHKFSERCGQLDGDPKEVSPVFTQF
LECVWHLTEQFPQAFEFSEAFLLQIHEHIHSCQFGNFLGNCQKEREELKLKEKTYSLWPFLLEDQKKYLNPLYSSESHRF
TVLEPNTVSFNFKFWRNMYHQFDRTAHHHHHH
;
_entity_poly.pdbx_strand_id   A
#
# COMPACT_ATOMS: atom_id res chain seq x y z
N ILE A 4 39.62 -7.71 -11.91
CA ILE A 4 40.17 -9.01 -12.26
C ILE A 4 40.12 -9.21 -13.82
N ARG A 5 41.14 -9.88 -14.38
CA ARG A 5 41.38 -10.10 -15.80
C ARG A 5 41.86 -11.53 -16.07
N THR A 6 41.23 -12.23 -17.02
CA THR A 6 41.62 -13.59 -17.40
C THR A 6 41.98 -13.61 -18.89
N THR A 7 43.19 -14.10 -19.18
CA THR A 7 43.74 -14.21 -20.54
C THR A 7 43.43 -15.60 -21.15
N LYS A 8 43.54 -15.73 -22.50
CA LYS A 8 43.37 -16.97 -23.27
C LYS A 8 42.01 -17.68 -23.04
N VAL A 9 40.93 -16.89 -22.88
CA VAL A 9 39.56 -17.37 -22.67
C VAL A 9 38.88 -17.63 -24.02
N GLU A 10 38.08 -18.72 -24.12
CA GLU A 10 37.35 -19.09 -25.34
C GLU A 10 35.84 -18.90 -25.20
N GLN A 11 35.29 -18.07 -26.08
CA GLN A 11 33.86 -17.86 -26.23
C GLN A 11 33.44 -18.87 -27.30
N VAL A 12 32.90 -20.01 -26.86
CA VAL A 12 32.52 -21.15 -27.70
C VAL A 12 31.38 -20.78 -28.73
N LYS A 13 31.61 -21.17 -30.04
CA LYS A 13 30.73 -20.97 -31.20
C LYS A 13 31.05 -22.01 -32.31
N LEU A 14 30.09 -22.91 -32.60
CA LEU A 14 30.24 -23.96 -33.60
C LEU A 14 30.21 -23.48 -35.07
N LEU A 15 29.71 -22.24 -35.32
CA LEU A 15 29.61 -21.67 -36.67
C LEU A 15 30.99 -21.42 -37.31
N SER A 24 34.94 -20.47 -32.70
CA SER A 24 35.15 -20.16 -31.29
C SER A 24 36.53 -19.54 -31.07
N LEU A 25 36.62 -18.21 -31.20
CA LEU A 25 37.87 -17.45 -31.05
C LEU A 25 38.25 -17.19 -29.57
N THR A 26 39.55 -16.92 -29.36
CA THR A 26 40.24 -16.71 -28.09
C THR A 26 40.36 -15.20 -27.79
N GLY A 27 40.32 -14.84 -26.51
CA GLY A 27 40.45 -13.46 -26.08
C GLY A 27 40.55 -13.27 -24.58
N THR A 28 40.65 -12.01 -24.13
CA THR A 28 40.72 -11.69 -22.70
C THR A 28 39.31 -11.35 -22.19
N LEU A 29 39.04 -11.78 -20.94
CA LEU A 29 37.75 -11.62 -20.25
C LEU A 29 37.94 -10.72 -19.03
N TYR A 30 37.34 -9.53 -19.06
CA TYR A 30 37.44 -8.54 -18.01
C TYR A 30 36.21 -8.59 -17.11
N LEU A 31 36.38 -8.28 -15.82
CA LEU A 31 35.27 -8.31 -14.88
C LEU A 31 35.31 -7.07 -13.96
N THR A 32 34.21 -6.28 -14.00
CA THR A 32 33.99 -5.06 -13.20
C THR A 32 32.69 -5.24 -12.39
N ALA A 33 32.29 -4.21 -11.63
CA ALA A 33 31.06 -4.23 -10.85
C ALA A 33 29.87 -3.94 -11.77
N THR A 34 30.13 -3.25 -12.88
CA THR A 34 29.11 -2.87 -13.87
C THR A 34 28.82 -4.02 -14.84
N HIS A 35 29.90 -4.63 -15.45
CA HIS A 35 29.74 -5.67 -16.47
C HIS A 35 30.90 -6.67 -16.56
N LEU A 36 30.65 -7.77 -17.28
CA LEU A 36 31.64 -8.79 -17.69
C LEU A 36 31.85 -8.57 -19.18
N LEU A 37 33.05 -8.15 -19.54
CA LEU A 37 33.42 -7.82 -20.91
C LEU A 37 34.42 -8.84 -21.48
N PHE A 38 34.18 -9.29 -22.73
CA PHE A 38 35.04 -10.20 -23.47
C PHE A 38 35.58 -9.49 -24.71
N ILE A 39 36.91 -9.27 -24.77
CA ILE A 39 37.53 -8.65 -25.93
C ILE A 39 38.18 -9.75 -26.80
N ASP A 40 37.77 -9.84 -28.07
CA ASP A 40 38.26 -10.81 -29.04
C ASP A 40 39.68 -10.53 -29.46
N SER A 41 40.35 -11.58 -30.00
CA SER A 41 41.73 -11.57 -30.54
C SER A 41 41.91 -10.43 -31.54
N HIS A 42 40.83 -10.11 -32.27
CA HIS A 42 40.75 -9.02 -33.23
C HIS A 42 40.52 -7.72 -32.45
N GLN A 43 39.29 -7.51 -31.94
CA GLN A 43 38.89 -6.34 -31.14
C GLN A 43 37.42 -6.41 -30.75
N LYS A 44 36.67 -7.39 -31.32
CA LYS A 44 35.24 -7.61 -31.06
C LYS A 44 34.97 -7.74 -29.56
N GLU A 45 34.29 -6.73 -29.00
CA GLU A 45 33.94 -6.67 -27.58
C GLU A 45 32.52 -7.17 -27.38
N THR A 46 32.34 -8.06 -26.41
CA THR A 46 31.03 -8.60 -26.05
C THR A 46 30.78 -8.20 -24.60
N TRP A 47 29.71 -7.44 -24.38
CA TRP A 47 29.34 -6.89 -23.09
C TRP A 47 28.18 -7.64 -22.47
N ILE A 48 28.33 -8.00 -21.18
CA ILE A 48 27.29 -8.64 -20.38
C ILE A 48 27.21 -7.90 -19.06
N LEU A 49 26.19 -7.04 -18.96
CA LEU A 49 25.90 -6.23 -17.78
C LEU A 49 25.33 -7.20 -16.74
N HIS A 50 25.85 -7.16 -15.50
CA HIS A 50 25.47 -8.11 -14.46
C HIS A 50 23.95 -8.16 -14.21
N HIS A 51 23.26 -7.02 -14.35
CA HIS A 51 21.81 -6.93 -14.17
C HIS A 51 21.04 -7.53 -15.37
N HIS A 52 21.76 -8.20 -16.30
CA HIS A 52 21.17 -8.87 -17.46
C HIS A 52 21.28 -10.39 -17.32
N ILE A 53 22.12 -10.86 -16.39
CA ILE A 53 22.32 -12.28 -16.15
C ILE A 53 21.10 -12.88 -15.45
N ALA A 54 20.55 -13.94 -16.03
CA ALA A 54 19.41 -14.68 -15.48
C ALA A 54 19.90 -15.81 -14.59
N SER A 55 20.86 -16.58 -15.12
CA SER A 55 21.45 -17.75 -14.51
C SER A 55 22.91 -17.85 -14.92
N VAL A 56 23.71 -18.61 -14.15
CA VAL A 56 25.13 -18.85 -14.40
C VAL A 56 25.50 -20.18 -13.74
N GLU A 57 25.87 -21.16 -14.56
CA GLU A 57 26.29 -22.48 -14.08
C GLU A 57 27.78 -22.65 -14.31
N LYS A 58 28.37 -23.68 -13.68
CA LYS A 58 29.79 -24.02 -13.77
C LYS A 58 29.89 -25.55 -13.76
N LEU A 59 30.05 -26.17 -14.95
CA LEU A 59 30.15 -27.62 -15.06
C LEU A 59 31.57 -28.03 -14.80
N ALA A 60 31.75 -29.32 -14.45
CA ALA A 60 33.00 -29.99 -14.12
C ALA A 60 34.15 -29.63 -15.08
N LEU A 61 35.37 -29.49 -14.51
CA LEU A 61 36.60 -29.14 -15.21
C LEU A 61 36.96 -30.20 -16.25
N THR A 62 37.31 -29.75 -17.47
CA THR A 62 37.69 -30.65 -18.57
C THR A 62 39.18 -30.52 -18.87
N THR A 63 39.71 -31.40 -19.72
CA THR A 63 41.12 -31.40 -20.14
C THR A 63 41.49 -30.13 -20.92
N SER A 64 40.46 -29.32 -21.26
CA SER A 64 40.65 -28.11 -22.04
C SER A 64 40.11 -26.87 -21.33
N GLY A 65 39.77 -27.01 -20.04
CA GLY A 65 39.30 -25.91 -19.20
C GLY A 65 37.99 -26.11 -18.47
N CYS A 66 37.62 -25.09 -17.64
CA CYS A 66 36.41 -25.04 -16.80
C CYS A 66 35.26 -24.30 -17.52
N PRO A 67 34.18 -25.04 -17.92
CA PRO A 67 33.07 -24.38 -18.62
C PRO A 67 32.18 -23.55 -17.71
N LEU A 68 31.92 -22.30 -18.13
CA LEU A 68 31.08 -21.33 -17.45
C LEU A 68 29.99 -20.83 -18.43
N VAL A 69 28.74 -21.32 -18.25
CA VAL A 69 27.59 -20.95 -19.10
C VAL A 69 26.78 -19.81 -18.42
N ILE A 70 26.49 -18.74 -19.18
CA ILE A 70 25.71 -17.60 -18.70
C ILE A 70 24.46 -17.47 -19.51
N GLN A 71 23.29 -17.43 -18.84
CA GLN A 71 22.00 -17.24 -19.50
C GLN A 71 21.55 -15.81 -19.26
N CYS A 72 21.29 -15.06 -20.33
CA CYS A 72 20.90 -13.65 -20.25
C CYS A 72 19.39 -13.49 -20.31
N LYS A 73 18.91 -12.33 -19.86
CA LYS A 73 17.49 -12.02 -19.75
C LYS A 73 16.79 -11.87 -21.13
N ASN A 74 17.56 -11.78 -22.25
CA ASN A 74 17.05 -11.69 -23.62
C ASN A 74 17.09 -13.06 -24.32
N PHE A 75 17.22 -14.13 -23.51
CA PHE A 75 17.27 -15.56 -23.85
C PHE A 75 18.58 -15.99 -24.56
N ARG A 76 19.59 -15.09 -24.61
CA ARG A 76 20.88 -15.44 -25.20
C ARG A 76 21.72 -16.22 -24.20
N THR A 77 22.16 -17.44 -24.58
CA THR A 77 23.02 -18.28 -23.75
C THR A 77 24.45 -18.11 -24.28
N VAL A 78 25.40 -17.82 -23.37
CA VAL A 78 26.82 -17.61 -23.65
C VAL A 78 27.60 -18.75 -22.98
N HIS A 79 28.63 -19.29 -23.69
CA HIS A 79 29.47 -20.40 -23.22
C HIS A 79 30.94 -20.00 -23.24
N PHE A 80 31.58 -20.04 -22.07
CA PHE A 80 33.00 -19.71 -21.96
C PHE A 80 33.82 -20.87 -21.45
N ILE A 81 35.10 -20.86 -21.80
CA ILE A 81 36.05 -21.84 -21.34
C ILE A 81 37.16 -21.03 -20.74
N VAL A 82 37.20 -21.03 -19.41
CA VAL A 82 38.20 -20.32 -18.62
C VAL A 82 39.30 -21.34 -18.36
N PRO A 83 40.56 -21.02 -18.78
CA PRO A 83 41.66 -22.00 -18.66
C PRO A 83 41.83 -22.62 -17.28
N ARG A 84 41.96 -21.82 -16.22
CA ARG A 84 42.17 -22.35 -14.89
C ARG A 84 40.89 -22.32 -14.09
N GLU A 85 40.57 -23.46 -13.42
CA GLU A 85 39.39 -23.63 -12.57
C GLU A 85 39.34 -22.53 -11.49
N ARG A 86 40.50 -22.22 -10.85
CA ARG A 86 40.72 -21.19 -9.81
C ARG A 86 40.15 -19.86 -10.30
N ASP A 87 40.53 -19.43 -11.52
CA ASP A 87 40.08 -18.18 -12.14
C ASP A 87 38.57 -18.20 -12.38
N CYS A 88 38.06 -19.32 -12.96
CA CYS A 88 36.64 -19.55 -13.24
C CYS A 88 35.77 -19.47 -11.96
N HIS A 89 36.25 -20.10 -10.88
CA HIS A 89 35.60 -20.16 -9.57
C HIS A 89 35.38 -18.75 -8.97
N ASP A 90 36.33 -17.84 -9.17
CA ASP A 90 36.24 -16.46 -8.68
C ASP A 90 35.26 -15.64 -9.50
N ILE A 91 35.18 -15.90 -10.82
CA ILE A 91 34.29 -15.21 -11.75
C ILE A 91 32.86 -15.68 -11.49
N TYR A 92 32.66 -17.00 -11.30
CA TYR A 92 31.37 -17.61 -11.02
C TYR A 92 30.74 -17.04 -9.72
N ASN A 93 31.50 -17.08 -8.62
CA ASN A 93 31.10 -16.61 -7.29
C ASN A 93 30.79 -15.11 -7.28
N SER A 94 31.57 -14.29 -8.03
CA SER A 94 31.31 -12.85 -8.10
C SER A 94 30.15 -12.54 -9.08
N LEU A 95 29.93 -13.39 -10.12
CA LEU A 95 28.79 -13.16 -11.02
C LEU A 95 27.48 -13.44 -10.27
N LEU A 96 27.51 -14.37 -9.29
CA LEU A 96 26.34 -14.73 -8.49
C LEU A 96 25.95 -13.57 -7.55
N GLN A 97 26.96 -12.94 -6.95
CA GLN A 97 26.81 -11.80 -6.05
C GLN A 97 26.34 -10.58 -6.82
N LEU A 98 26.84 -10.38 -8.04
CA LEU A 98 26.50 -9.19 -8.82
C LEU A 98 25.24 -9.36 -9.67
N SER A 99 24.67 -10.59 -9.79
CA SER A 99 23.45 -10.81 -10.60
C SER A 99 22.19 -10.98 -9.74
N LYS A 100 22.30 -10.88 -8.40
CA LYS A 100 21.21 -11.00 -7.43
C LYS A 100 20.17 -9.90 -7.66
N GLN A 101 18.90 -10.29 -7.80
CA GLN A 101 17.82 -9.33 -8.01
C GLN A 101 16.97 -9.19 -6.74
N ALA A 102 16.31 -8.02 -6.60
CA ALA A 102 15.40 -7.65 -5.48
C ALA A 102 14.35 -8.74 -5.28
N LYS A 103 14.21 -9.22 -4.03
CA LYS A 103 13.28 -10.29 -3.64
C LYS A 103 12.63 -9.98 -2.27
N TYR A 104 11.43 -10.55 -2.00
CA TYR A 104 10.78 -10.33 -0.70
C TYR A 104 11.46 -11.16 0.38
N GLU A 105 11.93 -12.35 0.00
CA GLU A 105 12.58 -13.36 0.84
C GLU A 105 13.89 -12.83 1.46
N ASP A 106 14.39 -11.69 0.95
CA ASP A 106 15.59 -11.01 1.42
C ASP A 106 15.28 -10.14 2.65
N LEU A 107 13.99 -9.81 2.86
CA LEU A 107 13.51 -8.98 3.97
C LEU A 107 13.55 -9.72 5.31
N TYR A 108 13.68 -8.94 6.40
CA TYR A 108 13.81 -9.34 7.79
C TYR A 108 12.78 -10.42 8.22
N ALA A 109 11.49 -10.22 7.88
CA ALA A 109 10.36 -11.09 8.27
C ALA A 109 10.58 -12.57 7.98
N PHE A 110 11.33 -12.89 6.93
CA PHE A 110 11.57 -14.27 6.54
C PHE A 110 12.67 -14.91 7.38
N SER A 111 13.58 -14.10 7.96
CA SER A 111 14.68 -14.59 8.81
C SER A 111 14.35 -14.50 10.30
N TYR A 112 13.58 -13.47 10.72
CA TYR A 112 13.16 -13.24 12.10
C TYR A 112 12.36 -14.44 12.63
N ASN A 113 12.90 -15.12 13.67
CA ASN A 113 12.31 -16.30 14.31
C ASN A 113 12.41 -16.18 15.84
N PRO A 114 11.32 -15.81 16.55
CA PRO A 114 11.42 -15.63 18.00
C PRO A 114 11.01 -16.88 18.80
N LYS A 115 11.57 -18.04 18.42
CA LYS A 115 11.40 -19.37 19.04
C LYS A 115 9.91 -19.79 19.21
N GLN A 116 9.03 -19.41 18.26
CA GLN A 116 7.62 -19.82 18.28
C GLN A 116 7.49 -21.17 17.59
N ASN A 117 7.02 -22.20 18.34
CA ASN A 117 6.87 -23.58 17.88
C ASN A 117 5.75 -23.78 16.82
N ASP A 118 5.72 -22.88 15.79
CA ASP A 118 4.80 -22.82 14.63
C ASP A 118 3.31 -22.70 15.02
N SER A 119 2.83 -23.51 15.98
CA SER A 119 1.44 -23.49 16.47
C SER A 119 1.08 -22.10 17.00
N GLU A 120 2.05 -21.45 17.68
CA GLU A 120 1.92 -20.11 18.23
C GLU A 120 1.88 -19.06 17.11
N ARG A 121 2.51 -19.36 15.95
CA ARG A 121 2.56 -18.47 14.78
C ARG A 121 1.19 -18.44 14.04
N LEU A 122 0.58 -19.63 13.81
CA LEU A 122 -0.72 -19.82 13.13
C LEU A 122 -1.84 -19.08 13.89
N GLN A 123 -1.79 -19.12 15.24
CA GLN A 123 -2.73 -18.44 16.12
C GLN A 123 -2.52 -16.91 16.07
N GLY A 124 -1.33 -16.48 15.63
CA GLY A 124 -0.99 -15.08 15.49
C GLY A 124 -1.63 -14.41 14.28
N TRP A 125 -1.90 -15.21 13.24
CA TRP A 125 -2.55 -14.74 12.02
C TRP A 125 -4.07 -14.74 12.20
N GLN A 126 -4.60 -15.78 12.90
CA GLN A 126 -6.02 -15.99 13.22
C GLN A 126 -6.52 -15.02 14.30
N LEU A 127 -5.63 -14.14 14.81
CA LEU A 127 -5.90 -13.12 15.84
C LEU A 127 -6.96 -12.14 15.35
N ILE A 128 -6.80 -11.64 14.11
CA ILE A 128 -7.72 -10.71 13.47
C ILE A 128 -8.56 -11.46 12.43
N ASP A 129 -9.88 -11.57 12.70
CA ASP A 129 -10.85 -12.19 11.80
C ASP A 129 -11.86 -11.13 11.38
N LEU A 130 -11.82 -10.73 10.10
CA LEU A 130 -12.68 -9.69 9.54
C LEU A 130 -14.12 -10.17 9.40
N ALA A 131 -14.33 -11.50 9.31
CA ALA A 131 -15.67 -12.13 9.26
C ALA A 131 -16.40 -11.90 10.59
N GLU A 132 -15.63 -11.58 11.66
CA GLU A 132 -16.10 -11.27 13.01
C GLU A 132 -16.24 -9.75 13.18
N GLU A 133 -15.48 -8.95 12.40
CA GLU A 133 -15.55 -7.49 12.39
C GLU A 133 -16.84 -7.06 11.69
N TYR A 134 -17.13 -7.65 10.52
CA TYR A 134 -18.34 -7.34 9.76
C TYR A 134 -19.55 -7.81 10.55
N LYS A 135 -19.44 -8.97 11.24
CA LYS A 135 -20.49 -9.53 12.09
C LYS A 135 -20.71 -8.67 13.35
N ARG A 136 -19.68 -7.90 13.74
CA ARG A 136 -19.72 -6.97 14.89
C ARG A 136 -20.62 -5.81 14.51
N MET A 137 -20.61 -5.43 13.23
CA MET A 137 -21.45 -4.35 12.73
C MET A 137 -22.85 -4.82 12.25
N GLY A 138 -23.20 -6.08 12.51
CA GLY A 138 -24.48 -6.68 12.15
C GLY A 138 -24.61 -7.06 10.69
N VAL A 139 -23.48 -7.12 9.97
CA VAL A 139 -23.39 -7.46 8.55
C VAL A 139 -22.93 -8.93 8.42
N PRO A 140 -23.65 -9.82 7.69
CA PRO A 140 -24.85 -9.56 6.88
C PRO A 140 -26.14 -9.41 7.69
N ASN A 141 -27.11 -8.71 7.08
CA ASN A 141 -28.47 -8.44 7.56
C ASN A 141 -29.39 -8.43 6.33
N SER A 142 -30.59 -7.86 6.43
CA SER A 142 -31.54 -7.79 5.29
C SER A 142 -31.11 -6.75 4.25
N HIS A 143 -30.34 -5.72 4.68
CA HIS A 143 -29.86 -4.61 3.86
C HIS A 143 -28.59 -4.99 3.08
N TRP A 144 -27.68 -5.76 3.72
CA TRP A 144 -26.39 -6.17 3.13
C TRP A 144 -26.14 -7.68 3.24
N GLN A 145 -25.25 -8.20 2.36
CA GLN A 145 -24.86 -9.62 2.32
C GLN A 145 -23.41 -9.82 1.80
N LEU A 146 -22.88 -11.05 1.95
CA LEU A 146 -21.55 -11.42 1.46
C LEU A 146 -21.66 -11.98 0.04
N SER A 147 -20.65 -11.72 -0.81
CA SER A 147 -20.66 -12.25 -2.18
C SER A 147 -19.42 -13.08 -2.47
N ASP A 148 -19.63 -14.24 -3.11
CA ASP A 148 -18.59 -15.18 -3.55
C ASP A 148 -17.94 -14.68 -4.86
N ALA A 149 -18.25 -13.42 -5.25
CA ALA A 149 -17.77 -12.75 -6.46
C ALA A 149 -16.24 -12.71 -6.54
N ASN A 150 -15.54 -12.71 -5.39
CA ASN A 150 -14.08 -12.70 -5.35
C ASN A 150 -13.50 -13.95 -4.69
N ARG A 151 -14.34 -15.02 -4.50
CA ARG A 151 -13.96 -16.31 -3.88
C ARG A 151 -12.62 -16.86 -4.39
N ASP A 152 -12.25 -16.56 -5.65
CA ASP A 152 -11.01 -16.97 -6.27
C ASP A 152 -10.36 -15.78 -6.98
N TYR A 153 -10.56 -14.56 -6.44
CA TYR A 153 -10.04 -13.27 -6.90
C TYR A 153 -10.41 -13.00 -8.39
N LYS A 154 -11.56 -13.54 -8.82
CA LYS A 154 -12.10 -13.47 -10.17
C LYS A 154 -12.46 -12.04 -10.60
N ILE A 155 -13.38 -11.38 -9.86
CA ILE A 155 -13.90 -10.05 -10.17
C ILE A 155 -12.83 -8.94 -9.94
N CYS A 156 -12.07 -9.00 -8.83
CA CYS A 156 -11.03 -8.00 -8.59
C CYS A 156 -9.77 -8.66 -8.06
N GLU A 157 -8.62 -8.10 -8.43
CA GLU A 157 -7.30 -8.59 -8.03
C GLU A 157 -6.82 -7.90 -6.76
N THR A 158 -6.93 -6.55 -6.69
CA THR A 158 -6.49 -5.76 -5.54
C THR A 158 -7.63 -5.61 -4.47
N TYR A 159 -8.50 -6.63 -4.35
CA TYR A 159 -9.62 -6.65 -3.39
C TYR A 159 -9.64 -7.97 -2.60
N PRO A 160 -10.26 -7.99 -1.38
CA PRO A 160 -10.30 -9.25 -0.62
C PRO A 160 -11.22 -10.32 -1.20
N ARG A 161 -10.96 -11.59 -0.85
CA ARG A 161 -11.71 -12.80 -1.24
C ARG A 161 -13.19 -12.70 -0.80
N GLU A 162 -13.44 -12.02 0.32
CA GLU A 162 -14.77 -11.79 0.89
C GLU A 162 -15.16 -10.34 0.68
N LEU A 163 -16.34 -10.11 0.06
CA LEU A 163 -16.83 -8.77 -0.22
C LEU A 163 -18.27 -8.62 0.23
N TYR A 164 -18.66 -7.42 0.72
CA TYR A 164 -20.04 -7.16 1.16
C TYR A 164 -20.70 -6.08 0.27
N VAL A 165 -21.84 -6.47 -0.37
CA VAL A 165 -22.66 -5.68 -1.31
C VAL A 165 -24.15 -5.70 -0.90
N PRO A 166 -25.02 -4.75 -1.36
CA PRO A 166 -26.43 -4.79 -0.94
C PRO A 166 -27.12 -6.10 -1.27
N ARG A 167 -28.03 -6.53 -0.38
CA ARG A 167 -28.80 -7.77 -0.54
C ARG A 167 -29.77 -7.66 -1.74
N ILE A 168 -30.05 -6.41 -2.18
CA ILE A 168 -30.91 -6.13 -3.35
C ILE A 168 -30.08 -6.42 -4.62
N ALA A 169 -28.85 -5.85 -4.71
CA ALA A 169 -27.92 -6.06 -5.83
C ALA A 169 -27.51 -7.54 -5.93
N SER A 170 -27.58 -8.10 -7.15
CA SER A 170 -27.26 -9.51 -7.42
C SER A 170 -25.90 -9.68 -8.09
N LYS A 171 -25.50 -10.95 -8.32
CA LYS A 171 -24.23 -11.38 -8.93
C LYS A 171 -23.95 -10.71 -10.31
N PRO A 172 -24.90 -10.66 -11.28
CA PRO A 172 -24.58 -10.02 -12.58
C PRO A 172 -24.40 -8.50 -12.51
N ILE A 173 -24.97 -7.84 -11.49
CA ILE A 173 -24.84 -6.38 -11.28
C ILE A 173 -23.40 -6.08 -10.91
N ILE A 174 -22.82 -6.95 -10.06
CA ILE A 174 -21.45 -6.85 -9.55
C ILE A 174 -20.45 -7.03 -10.69
N VAL A 175 -20.60 -8.10 -11.50
CA VAL A 175 -19.68 -8.41 -12.62
C VAL A 175 -19.58 -7.22 -13.60
N GLY A 176 -20.72 -6.60 -13.91
CA GLY A 176 -20.83 -5.46 -14.81
C GLY A 176 -20.16 -4.19 -14.30
N SER A 177 -20.46 -3.82 -13.03
CA SER A 177 -19.89 -2.65 -12.38
C SER A 177 -18.36 -2.75 -12.37
N SER A 178 -17.81 -3.92 -11.96
CA SER A 178 -16.36 -4.15 -11.88
C SER A 178 -15.68 -3.87 -13.22
N LYS A 179 -16.39 -4.11 -14.34
CA LYS A 179 -15.86 -3.89 -15.68
C LYS A 179 -15.86 -2.40 -16.07
N PHE A 180 -16.66 -1.56 -15.39
CA PHE A 180 -16.76 -0.12 -15.67
C PHE A 180 -15.93 0.74 -14.68
N ARG A 181 -15.39 0.10 -13.63
CA ARG A 181 -14.60 0.78 -12.59
C ARG A 181 -13.15 0.46 -12.76
N SER A 182 -12.29 1.49 -12.63
CA SER A 182 -10.83 1.41 -12.76
C SER A 182 -10.26 0.30 -11.87
N LYS A 183 -9.39 -0.57 -12.42
CA LYS A 183 -8.76 -1.72 -11.74
C LYS A 183 -9.81 -2.79 -11.25
N GLY A 184 -11.09 -2.55 -11.54
CA GLY A 184 -12.18 -3.43 -11.15
C GLY A 184 -12.65 -3.22 -9.73
N ARG A 185 -12.19 -2.11 -9.13
CA ARG A 185 -12.48 -1.75 -7.75
C ARG A 185 -13.82 -1.06 -7.71
N PHE A 186 -14.87 -1.89 -7.66
CA PHE A 186 -16.28 -1.51 -7.72
C PHE A 186 -16.84 -1.09 -6.36
N PRO A 187 -17.97 -0.34 -6.34
CA PRO A 187 -18.58 0.08 -5.05
C PRO A 187 -18.88 -1.11 -4.12
N VAL A 188 -18.14 -1.15 -3.00
CA VAL A 188 -18.23 -2.21 -1.99
C VAL A 188 -18.33 -1.57 -0.56
N LEU A 189 -18.97 -2.27 0.40
CA LEU A 189 -19.09 -1.79 1.78
C LEU A 189 -17.71 -1.72 2.49
N SER A 190 -17.30 -0.50 2.93
CA SER A 190 -16.07 -0.20 3.66
C SER A 190 -16.37 -0.08 5.16
N TYR A 191 -17.65 0.23 5.51
CA TYR A 191 -18.19 0.35 6.87
C TYR A 191 -19.68 0.67 6.86
N TYR A 192 -20.43 -0.01 7.73
CA TYR A 192 -21.87 0.14 7.93
C TYR A 192 -22.13 0.70 9.33
N HIS A 193 -23.08 1.63 9.48
CA HIS A 193 -23.43 2.19 10.79
C HIS A 193 -24.75 1.57 11.22
N GLN A 194 -24.69 0.55 12.10
CA GLN A 194 -25.86 -0.21 12.59
C GLN A 194 -27.02 0.71 13.01
N ASP A 195 -26.77 1.63 13.96
CA ASP A 195 -27.78 2.53 14.54
C ASP A 195 -28.41 3.51 13.54
N LYS A 196 -27.60 4.28 12.79
CA LYS A 196 -28.11 5.27 11.84
C LYS A 196 -28.54 4.66 10.50
N GLU A 197 -28.15 3.38 10.24
CA GLU A 197 -28.44 2.60 9.02
C GLU A 197 -27.80 3.25 7.75
N ALA A 198 -26.76 4.09 7.95
CA ALA A 198 -26.02 4.75 6.87
C ALA A 198 -24.75 3.94 6.54
N ALA A 199 -24.19 4.09 5.31
CA ALA A 199 -23.03 3.29 4.91
C ALA A 199 -21.87 4.10 4.32
N ILE A 200 -20.64 3.61 4.56
CA ILE A 200 -19.39 4.12 3.95
C ILE A 200 -19.00 3.07 2.94
N CYS A 201 -19.00 3.45 1.67
CA CYS A 201 -18.69 2.56 0.58
C CYS A 201 -17.43 3.03 -0.11
N ARG A 202 -16.62 2.08 -0.57
CA ARG A 202 -15.36 2.39 -1.28
C ARG A 202 -15.35 1.77 -2.67
N CYS A 203 -14.69 2.47 -3.63
CA CYS A 203 -14.49 2.04 -5.02
C CYS A 203 -13.40 2.89 -5.69
N SER A 204 -13.23 2.71 -7.00
CA SER A 204 -12.31 3.49 -7.82
C SER A 204 -13.12 4.34 -8.72
N GLN A 205 -12.51 5.29 -9.43
CA GLN A 205 -13.24 6.14 -10.38
C GLN A 205 -13.94 5.29 -11.47
N PRO A 206 -15.14 5.73 -11.97
CA PRO A 206 -15.76 5.00 -13.10
C PRO A 206 -15.11 5.44 -14.44
N LEU A 207 -15.05 4.56 -15.47
CA LEU A 207 -14.42 4.91 -16.78
C LEU A 207 -15.43 5.62 -17.67
N SER A 208 -15.87 6.81 -17.23
CA SER A 208 -16.90 7.63 -17.86
C SER A 208 -16.29 8.50 -18.99
N GLY A 209 -15.59 7.81 -19.89
CA GLY A 209 -14.89 8.33 -21.06
C GLY A 209 -15.51 9.53 -21.77
N PHE A 210 -16.38 9.26 -22.73
CA PHE A 210 -17.00 10.33 -23.49
C PHE A 210 -18.46 10.33 -23.12
N SER A 211 -19.18 9.26 -23.46
CA SER A 211 -20.58 9.14 -23.02
C SER A 211 -20.88 7.67 -22.75
N ALA A 212 -19.88 6.98 -22.21
CA ALA A 212 -19.91 5.59 -21.79
C ALA A 212 -20.87 5.48 -20.58
N ARG A 213 -21.80 4.56 -20.70
CA ARG A 213 -22.81 4.30 -19.72
C ARG A 213 -22.78 2.83 -19.31
N CYS A 214 -22.85 2.54 -18.01
CA CYS A 214 -22.92 1.16 -17.54
C CYS A 214 -24.09 1.05 -16.63
N LEU A 215 -25.12 0.29 -17.07
CA LEU A 215 -26.40 0.08 -16.40
C LEU A 215 -26.24 -0.54 -15.02
N GLU A 216 -25.49 -1.66 -14.95
CA GLU A 216 -25.19 -2.42 -13.73
C GLU A 216 -24.57 -1.52 -12.68
N ASP A 217 -23.71 -0.56 -13.11
CA ASP A 217 -23.08 0.39 -12.18
C ASP A 217 -24.12 1.37 -11.65
N GLU A 218 -24.94 1.94 -12.56
CA GLU A 218 -26.02 2.85 -12.19
C GLU A 218 -26.97 2.17 -11.17
N HIS A 219 -27.35 0.90 -11.44
CA HIS A 219 -28.16 0.03 -10.60
C HIS A 219 -27.49 -0.31 -9.27
N LEU A 220 -26.12 -0.44 -9.26
CA LEU A 220 -25.39 -0.75 -8.01
C LEU A 220 -25.40 0.46 -7.07
N LEU A 221 -25.15 1.68 -7.60
CA LEU A 221 -25.21 2.90 -6.78
C LEU A 221 -26.62 3.13 -6.25
N GLN A 222 -27.63 2.79 -7.08
CA GLN A 222 -29.06 2.85 -6.77
C GLN A 222 -29.37 1.89 -5.62
N ALA A 223 -28.75 0.68 -5.65
CA ALA A 223 -28.93 -0.36 -4.63
C ALA A 223 -28.44 0.12 -3.26
N ILE A 224 -27.28 0.82 -3.21
CA ILE A 224 -26.68 1.36 -1.98
C ILE A 224 -27.60 2.43 -1.36
N SER A 225 -28.11 3.40 -2.17
CA SER A 225 -29.06 4.41 -1.69
C SER A 225 -30.34 3.76 -1.20
N LYS A 226 -30.89 2.79 -1.97
CA LYS A 226 -32.11 2.04 -1.62
C LYS A 226 -31.88 1.17 -0.37
N ALA A 227 -30.62 0.78 -0.08
CA ALA A 227 -30.26 0.02 1.12
C ALA A 227 -30.34 0.92 2.36
N ASN A 228 -30.19 2.26 2.16
CA ASN A 228 -30.35 3.26 3.21
C ASN A 228 -31.86 3.56 3.30
N PRO A 229 -32.51 3.22 4.44
CA PRO A 229 -33.95 3.46 4.55
C PRO A 229 -34.30 4.85 5.11
N VAL A 230 -33.30 5.72 5.34
CA VAL A 230 -33.50 7.05 5.92
C VAL A 230 -33.27 8.13 4.88
N ASN A 231 -32.18 8.00 4.09
CA ASN A 231 -31.87 8.98 3.05
C ASN A 231 -31.68 8.30 1.70
N ARG A 232 -32.45 8.76 0.70
CA ARG A 232 -32.34 8.22 -0.66
C ARG A 232 -31.29 9.01 -1.47
N TYR A 233 -30.73 10.09 -0.90
CA TYR A 233 -29.66 10.91 -1.49
C TYR A 233 -28.32 10.40 -1.00
N MET A 234 -27.40 10.14 -1.95
CA MET A 234 -26.05 9.59 -1.72
C MET A 234 -24.96 10.65 -2.01
N TYR A 235 -23.77 10.48 -1.46
CA TYR A 235 -22.66 11.39 -1.70
C TYR A 235 -21.52 10.68 -2.43
N VAL A 236 -20.76 11.43 -3.26
CA VAL A 236 -19.58 10.93 -3.97
C VAL A 236 -18.42 11.93 -3.73
N MET A 237 -17.30 11.45 -3.12
CA MET A 237 -16.09 12.21 -2.80
C MET A 237 -14.98 11.94 -3.85
N ASP A 238 -14.46 13.03 -4.47
CA ASP A 238 -13.46 13.00 -5.54
C ASP A 238 -12.68 14.34 -5.59
N THR A 239 -11.78 14.49 -6.59
CA THR A 239 -10.90 15.66 -6.78
C THR A 239 -11.30 16.48 -8.02
N ARG A 240 -11.25 17.82 -7.87
CA ARG A 240 -11.50 18.85 -8.89
C ARG A 240 -10.73 20.13 -8.46
N PRO A 241 -10.54 21.18 -9.32
CA PRO A 241 -11.04 21.36 -10.71
C PRO A 241 -10.37 20.44 -11.72
N LYS A 242 -11.15 20.10 -12.79
CA LYS A 242 -10.83 19.27 -13.97
C LYS A 242 -10.15 17.91 -13.60
N LEU A 243 -10.22 17.50 -12.29
CA LEU A 243 -9.61 16.31 -11.67
C LEU A 243 -8.08 16.48 -11.67
N ASN A 244 -7.47 16.56 -10.47
CA ASN A 244 -6.02 16.81 -10.31
C ASN A 244 -5.22 15.54 -9.92
N ALA A 245 -5.89 14.39 -9.72
CA ALA A 245 -5.23 13.11 -9.40
C ALA A 245 -4.51 12.54 -10.62
N ALA A 250 -7.35 8.50 -18.91
CA ALA A 250 -7.42 8.72 -20.36
C ALA A 250 -8.83 8.43 -20.88
N ALA A 251 -9.38 7.27 -20.46
CA ALA A 251 -10.73 6.84 -20.79
C ALA A 251 -11.69 7.26 -19.66
N GLY A 252 -11.82 8.57 -19.48
CA GLY A 252 -12.69 9.14 -18.45
C GLY A 252 -12.09 10.20 -17.56
N LYS A 253 -12.92 11.20 -17.22
CA LYS A 253 -12.65 12.30 -16.29
C LYS A 253 -13.06 11.84 -14.85
N GLY A 254 -13.28 10.53 -14.71
CA GLY A 254 -13.59 9.81 -13.49
C GLY A 254 -14.76 10.27 -12.66
N TYR A 255 -15.71 10.99 -13.27
CA TYR A 255 -16.90 11.49 -12.58
C TYR A 255 -18.12 10.73 -13.01
N GLU A 256 -18.96 10.33 -12.05
CA GLU A 256 -20.25 9.72 -12.38
C GLU A 256 -21.10 10.84 -12.97
N ASN A 257 -21.71 10.62 -14.14
CA ASN A 257 -22.54 11.66 -14.76
C ASN A 257 -23.82 11.79 -13.95
N GLU A 258 -24.01 12.96 -13.27
CA GLU A 258 -25.15 13.23 -12.39
C GLU A 258 -26.50 13.10 -13.12
N ASP A 259 -26.52 13.25 -14.46
CA ASP A 259 -27.73 13.09 -15.27
C ASP A 259 -28.07 11.61 -15.45
N ASN A 260 -27.07 10.72 -15.31
CA ASN A 260 -27.25 9.28 -15.46
C ASN A 260 -27.36 8.58 -14.12
N TYR A 261 -26.87 9.24 -13.04
CA TYR A 261 -26.92 8.86 -11.61
C TYR A 261 -27.75 9.96 -10.94
N SER A 262 -29.05 9.92 -11.17
CA SER A 262 -29.98 10.96 -10.72
C SER A 262 -30.36 10.83 -9.24
N ASN A 263 -29.37 10.50 -8.38
CA ASN A 263 -29.55 10.29 -6.95
C ASN A 263 -28.21 10.49 -6.18
N ILE A 264 -27.36 11.39 -6.69
CA ILE A 264 -25.99 11.67 -6.25
C ILE A 264 -25.69 13.17 -6.05
N ARG A 265 -24.76 13.46 -5.13
CA ARG A 265 -24.20 14.77 -4.77
C ARG A 265 -22.66 14.65 -4.75
N PHE A 266 -21.95 15.63 -5.33
CA PHE A 266 -20.49 15.61 -5.42
C PHE A 266 -19.80 16.63 -4.53
N GLN A 267 -18.67 16.22 -3.92
CA GLN A 267 -17.86 17.09 -3.08
C GLN A 267 -16.38 16.87 -3.34
N PHE A 268 -15.66 17.99 -3.51
CA PHE A 268 -14.22 18.04 -3.77
C PHE A 268 -13.41 17.74 -2.51
N VAL A 269 -12.47 16.80 -2.60
CA VAL A 269 -11.63 16.48 -1.45
C VAL A 269 -10.45 17.47 -1.39
N GLY A 270 -10.04 18.01 -2.54
CA GLY A 270 -8.92 18.92 -2.67
C GLY A 270 -7.55 18.34 -2.34
N ILE A 271 -7.48 17.01 -2.08
CA ILE A 271 -6.25 16.31 -1.71
C ILE A 271 -5.42 15.90 -2.95
N GLU A 272 -4.23 16.52 -3.10
CA GLU A 272 -3.30 16.32 -4.20
C GLU A 272 -2.81 14.86 -4.24
N ASN A 273 -2.28 14.44 -5.41
CA ASN A 273 -1.81 13.07 -5.68
C ASN A 273 -0.50 12.73 -4.98
N ILE A 274 -0.17 11.42 -4.98
CA ILE A 274 1.00 10.77 -4.38
C ILE A 274 2.34 11.42 -4.77
N HIS A 275 2.45 11.99 -5.98
CA HIS A 275 3.65 12.66 -6.47
C HIS A 275 3.87 13.96 -5.73
N VAL A 276 2.78 14.64 -5.39
CA VAL A 276 2.81 15.91 -4.68
C VAL A 276 3.11 15.63 -3.20
N MET A 277 2.70 14.44 -2.68
CA MET A 277 2.92 14.03 -1.30
C MET A 277 4.42 13.76 -1.09
N ARG A 278 5.00 12.86 -1.93
CA ARG A 278 6.41 12.52 -1.93
C ARG A 278 7.25 13.80 -2.09
N SER A 279 6.94 14.66 -3.07
CA SER A 279 7.68 15.91 -3.27
C SER A 279 7.70 16.78 -2.00
N SER A 280 6.50 16.98 -1.37
CA SER A 280 6.28 17.75 -0.15
C SER A 280 7.19 17.24 0.98
N LEU A 281 7.16 15.92 1.23
CA LEU A 281 7.97 15.26 2.26
C LEU A 281 9.46 15.48 2.00
N GLN A 282 9.92 15.45 0.72
CA GLN A 282 11.34 15.69 0.39
C GLN A 282 11.77 17.03 0.95
N LYS A 283 11.00 18.11 0.72
CA LYS A 283 11.34 19.46 1.20
C LYS A 283 11.22 19.55 2.72
N LEU A 284 10.38 18.69 3.33
CA LEU A 284 10.21 18.66 4.78
C LEU A 284 11.49 18.09 5.36
N LEU A 285 11.78 16.82 5.06
CA LEU A 285 12.99 16.13 5.51
C LEU A 285 14.27 16.90 5.08
N GLU A 286 14.22 17.66 3.98
CA GLU A 286 15.34 18.48 3.50
C GLU A 286 15.57 19.68 4.42
N VAL A 287 14.52 20.15 5.10
CA VAL A 287 14.60 21.29 6.01
C VAL A 287 14.97 20.76 7.40
N ASN A 288 14.24 19.73 7.88
CA ASN A 288 14.40 19.04 9.15
C ASN A 288 15.82 18.47 9.27
N GLY A 289 16.25 17.71 8.26
CA GLY A 289 17.56 17.08 8.17
C GLY A 289 18.72 18.06 8.17
N THR A 290 18.53 19.25 7.57
CA THR A 290 19.59 20.27 7.54
C THR A 290 19.71 20.97 8.89
N LYS A 291 20.91 21.51 9.16
CA LYS A 291 21.23 22.27 10.36
C LYS A 291 21.98 23.55 9.93
N GLY A 292 22.33 24.40 10.89
CA GLY A 292 22.98 25.68 10.63
C GLY A 292 21.95 26.68 10.14
N LEU A 293 20.70 26.49 10.60
CA LEU A 293 19.51 27.24 10.26
C LEU A 293 19.19 28.35 11.28
N SER A 294 17.94 28.80 11.24
CA SER A 294 17.29 29.76 12.12
C SER A 294 15.86 29.28 12.36
N VAL A 295 15.25 29.67 13.49
CA VAL A 295 13.88 29.26 13.87
C VAL A 295 12.88 29.75 12.82
N ASN A 296 13.05 31.01 12.36
CA ASN A 296 12.23 31.67 11.34
C ASN A 296 12.36 30.95 9.98
N ASP A 297 13.62 30.72 9.53
CA ASP A 297 13.95 30.07 8.25
C ASP A 297 13.51 28.61 8.22
N PHE A 298 13.61 27.88 9.35
CA PHE A 298 13.22 26.46 9.45
C PHE A 298 11.73 26.27 9.16
N TYR A 299 10.85 27.01 9.87
CA TYR A 299 9.40 26.90 9.70
C TYR A 299 8.94 27.47 8.37
N SER A 300 9.66 28.51 7.83
CA SER A 300 9.38 29.09 6.52
C SER A 300 9.50 27.99 5.46
N GLY A 301 10.62 27.25 5.50
CA GLY A 301 10.89 26.12 4.64
C GLY A 301 9.99 24.95 4.96
N LEU A 302 9.62 24.80 6.25
CA LEU A 302 8.72 23.73 6.68
C LEU A 302 7.32 23.95 6.09
N GLU A 303 6.84 25.22 6.08
CA GLU A 303 5.53 25.51 5.52
C GLU A 303 5.63 25.61 3.99
N SER A 304 6.81 26.00 3.44
CA SER A 304 7.06 26.07 1.98
C SER A 304 6.95 24.67 1.33
N SER A 305 7.01 23.62 2.16
CA SER A 305 6.83 22.24 1.74
C SER A 305 5.34 21.94 1.56
N GLY A 306 4.51 22.73 2.27
CA GLY A 306 3.05 22.63 2.31
C GLY A 306 2.54 21.30 2.85
N TRP A 307 3.39 20.60 3.64
CA TRP A 307 3.09 19.30 4.22
C TRP A 307 1.92 19.38 5.21
N LEU A 308 1.87 20.49 5.96
CA LEU A 308 0.81 20.72 6.93
C LEU A 308 -0.51 20.94 6.19
N ARG A 309 -0.46 21.72 5.07
CA ARG A 309 -1.60 21.96 4.19
C ARG A 309 -2.15 20.65 3.62
N HIS A 310 -1.29 19.64 3.44
CA HIS A 310 -1.67 18.33 2.92
C HIS A 310 -2.47 17.51 3.95
N ILE A 311 -1.95 17.36 5.18
CA ILE A 311 -2.58 16.62 6.30
C ILE A 311 -3.88 17.34 6.75
N LYS A 312 -3.90 18.69 6.65
CA LYS A 312 -5.04 19.55 6.97
C LYS A 312 -6.20 19.24 6.01
N ALA A 313 -5.89 19.15 4.71
CA ALA A 313 -6.88 18.84 3.70
C ALA A 313 -7.25 17.35 3.72
N VAL A 314 -6.42 16.48 4.32
CA VAL A 314 -6.76 15.05 4.45
C VAL A 314 -7.86 14.94 5.52
N MET A 315 -7.65 15.58 6.69
CA MET A 315 -8.57 15.60 7.83
C MET A 315 -9.94 16.15 7.42
N ASP A 316 -9.95 17.25 6.64
CA ASP A 316 -11.17 17.90 6.16
C ASP A 316 -12.10 16.92 5.47
N ALA A 317 -11.56 15.98 4.69
CA ALA A 317 -12.34 14.97 3.98
C ALA A 317 -12.97 13.97 4.96
N ALA A 318 -12.23 13.63 6.04
CA ALA A 318 -12.74 12.74 7.10
C ALA A 318 -13.86 13.46 7.87
N VAL A 319 -13.66 14.78 8.13
CA VAL A 319 -14.57 15.67 8.87
C VAL A 319 -15.87 15.81 8.08
N PHE A 320 -15.77 15.87 6.73
CA PHE A 320 -16.91 15.94 5.84
C PHE A 320 -17.71 14.62 5.90
N LEU A 321 -17.02 13.49 5.60
CA LEU A 321 -17.57 12.13 5.57
C LEU A 321 -18.31 11.80 6.90
N ALA A 322 -17.70 12.12 8.07
CA ALA A 322 -18.37 11.90 9.36
C ALA A 322 -19.65 12.75 9.51
N LYS A 323 -19.62 14.03 9.06
CA LYS A 323 -20.75 14.97 9.10
C LYS A 323 -21.92 14.52 8.21
N ALA A 324 -21.60 13.89 7.07
CA ALA A 324 -22.62 13.37 6.16
C ALA A 324 -23.31 12.14 6.74
N ILE A 325 -22.63 11.39 7.61
CA ILE A 325 -23.19 10.20 8.23
C ILE A 325 -23.98 10.62 9.48
N THR A 326 -23.35 11.44 10.36
CA THR A 326 -23.89 11.89 11.64
C THR A 326 -25.03 12.92 11.44
N VAL A 327 -24.71 14.17 10.98
CA VAL A 327 -25.66 15.27 10.80
C VAL A 327 -26.81 14.91 9.82
N GLU A 328 -26.51 14.83 8.52
CA GLU A 328 -27.53 14.53 7.52
C GLU A 328 -27.37 13.09 7.05
N ASN A 329 -27.83 12.12 7.89
CA ASN A 329 -27.83 10.67 7.67
C ASN A 329 -27.95 10.35 6.18
N ALA A 330 -26.87 9.81 5.55
CA ALA A 330 -26.76 9.47 4.12
C ALA A 330 -25.55 8.60 3.83
N SER A 331 -25.70 7.56 2.99
CA SER A 331 -24.58 6.72 2.58
C SER A 331 -23.60 7.55 1.73
N VAL A 332 -22.28 7.33 1.88
CA VAL A 332 -21.26 8.06 1.09
C VAL A 332 -20.42 7.06 0.31
N LEU A 333 -19.98 7.46 -0.90
CA LEU A 333 -19.09 6.67 -1.77
C LEU A 333 -17.79 7.42 -1.97
N VAL A 334 -16.71 6.87 -1.45
CA VAL A 334 -15.39 7.49 -1.60
C VAL A 334 -14.62 6.71 -2.65
N HIS A 335 -14.05 7.42 -3.66
CA HIS A 335 -13.28 6.73 -4.69
C HIS A 335 -12.08 7.52 -5.22
N CYS A 336 -12.24 8.84 -5.44
N CYS A 336 -12.29 8.81 -5.53
CA CYS A 336 -11.20 9.76 -5.97
CA CYS A 336 -11.39 9.75 -6.20
C CYS A 336 -10.71 9.31 -7.39
C CYS A 336 -10.85 9.18 -7.52
N SER A 337 -9.84 8.29 -7.48
CA SER A 337 -9.29 7.73 -8.72
C SER A 337 -9.13 6.22 -8.66
N ASP A 338 -8.19 5.73 -7.87
CA ASP A 338 -7.93 4.29 -7.87
C ASP A 338 -8.50 3.61 -6.63
N GLY A 339 -8.90 4.45 -5.69
CA GLY A 339 -9.51 4.05 -4.43
C GLY A 339 -8.64 3.18 -3.58
N TRP A 340 -7.36 3.55 -3.42
CA TRP A 340 -6.46 2.78 -2.54
C TRP A 340 -5.51 3.70 -1.72
N ASP A 341 -5.27 4.95 -2.17
CA ASP A 341 -4.41 5.89 -1.45
C ASP A 341 -5.28 6.84 -0.62
N ARG A 342 -5.78 7.96 -1.22
CA ARG A 342 -6.65 8.92 -0.52
C ARG A 342 -7.98 8.32 -0.07
N THR A 343 -8.50 7.33 -0.81
CA THR A 343 -9.77 6.70 -0.45
C THR A 343 -9.57 5.92 0.84
N SER A 344 -8.43 5.21 0.97
CA SER A 344 -8.03 4.46 2.16
C SER A 344 -7.89 5.39 3.37
N GLN A 345 -7.27 6.58 3.16
CA GLN A 345 -7.01 7.62 4.16
C GLN A 345 -8.30 8.14 4.75
N VAL A 346 -9.26 8.56 3.89
CA VAL A 346 -10.56 9.13 4.22
C VAL A 346 -11.47 8.07 4.85
N CYS A 347 -11.70 6.93 4.15
CA CYS A 347 -12.55 5.84 4.66
C CYS A 347 -12.20 5.46 6.10
N SER A 348 -10.88 5.41 6.45
CA SER A 348 -10.32 5.04 7.75
C SER A 348 -10.50 6.14 8.80
N LEU A 349 -9.97 7.35 8.51
CA LEU A 349 -10.02 8.56 9.34
C LEU A 349 -11.47 8.92 9.68
N GLY A 350 -12.35 8.79 8.67
CA GLY A 350 -13.78 9.01 8.79
C GLY A 350 -14.40 8.03 9.78
N SER A 351 -14.19 6.71 9.55
CA SER A 351 -14.71 5.64 10.41
C SER A 351 -14.14 5.69 11.83
N LEU A 352 -12.94 6.27 11.99
CA LEU A 352 -12.31 6.43 13.29
C LEU A 352 -13.05 7.52 14.09
N LEU A 353 -13.54 8.58 13.41
CA LEU A 353 -14.26 9.69 14.03
C LEU A 353 -15.64 9.31 14.51
N LEU A 354 -16.26 8.28 13.91
CA LEU A 354 -17.62 7.93 14.27
C LEU A 354 -17.74 6.61 15.09
N ASP A 355 -16.68 5.83 15.25
CA ASP A 355 -16.76 4.56 15.96
C ASP A 355 -15.77 4.56 17.10
N SER A 356 -16.24 4.16 18.31
CA SER A 356 -15.37 4.10 19.47
C SER A 356 -14.42 2.91 19.38
N TYR A 357 -14.93 1.72 18.94
CA TYR A 357 -14.15 0.47 18.86
C TYR A 357 -12.85 0.63 18.08
N TYR A 358 -12.82 1.44 16.99
CA TYR A 358 -11.57 1.63 16.24
C TYR A 358 -10.55 2.46 17.03
N ARG A 359 -10.98 3.14 18.12
CA ARG A 359 -10.07 3.93 18.96
C ARG A 359 -9.39 3.05 20.02
N THR A 360 -9.78 1.75 20.10
CA THR A 360 -9.20 0.71 20.95
C THR A 360 -7.84 0.28 20.32
N ILE A 361 -6.92 -0.29 21.11
CA ILE A 361 -5.63 -0.76 20.62
C ILE A 361 -5.91 -1.89 19.63
N LYS A 362 -6.68 -2.95 20.04
CA LYS A 362 -7.04 -4.06 19.15
C LYS A 362 -7.96 -3.58 18.00
N GLY A 363 -8.87 -2.64 18.30
CA GLY A 363 -9.78 -2.05 17.32
C GLY A 363 -9.06 -1.26 16.23
N PHE A 364 -7.90 -0.65 16.55
CA PHE A 364 -7.11 0.10 15.57
C PHE A 364 -6.36 -0.87 14.64
N MET A 365 -6.00 -2.07 15.16
CA MET A 365 -5.33 -3.13 14.40
C MET A 365 -6.31 -3.69 13.37
N VAL A 366 -7.56 -4.00 13.79
CA VAL A 366 -8.60 -4.50 12.88
C VAL A 366 -8.95 -3.44 11.79
N LEU A 367 -8.85 -2.12 12.14
CA LEU A 367 -9.11 -1.00 11.23
C LEU A 367 -8.09 -0.99 10.06
N ILE A 368 -6.79 -1.14 10.37
CA ILE A 368 -5.70 -1.15 9.37
C ILE A 368 -5.84 -2.42 8.50
N GLU A 369 -6.03 -3.58 9.17
CA GLU A 369 -6.24 -4.90 8.58
C GLU A 369 -7.34 -4.94 7.51
N LYS A 370 -8.41 -4.15 7.69
CA LYS A 370 -9.55 -4.07 6.78
C LYS A 370 -9.30 -3.05 5.67
N ASP A 371 -9.11 -1.78 6.05
CA ASP A 371 -9.00 -0.64 5.15
C ASP A 371 -7.71 -0.54 4.32
N TRP A 372 -6.63 -1.24 4.68
CA TRP A 372 -5.35 -1.14 3.93
C TRP A 372 -4.81 -2.52 3.54
N ILE A 373 -4.75 -3.44 4.52
CA ILE A 373 -4.21 -4.79 4.33
C ILE A 373 -5.14 -5.58 3.38
N SER A 374 -6.42 -5.77 3.75
CA SER A 374 -7.34 -6.54 2.91
C SER A 374 -7.73 -5.78 1.64
N PHE A 375 -8.09 -4.48 1.74
CA PHE A 375 -8.50 -3.72 0.57
C PHE A 375 -7.31 -3.13 -0.19
N GLY A 376 -6.33 -4.00 -0.47
CA GLY A 376 -5.14 -3.75 -1.27
C GLY A 376 -4.49 -2.38 -1.32
N HIS A 377 -3.91 -1.91 -0.21
CA HIS A 377 -3.11 -0.70 -0.30
C HIS A 377 -1.72 -1.11 -0.81
N LYS A 378 -1.10 -0.31 -1.70
CA LYS A 378 0.20 -0.68 -2.31
C LYS A 378 1.41 -0.35 -1.38
N PHE A 379 1.57 -1.14 -0.30
CA PHE A 379 2.64 -0.94 0.67
C PHE A 379 4.00 -1.19 -0.01
N SER A 380 4.21 -2.36 -0.63
CA SER A 380 5.46 -2.65 -1.37
C SER A 380 5.84 -1.56 -2.38
N GLU A 381 4.85 -0.95 -3.08
CA GLU A 381 5.13 0.09 -4.07
C GLU A 381 5.39 1.46 -3.44
N ARG A 382 4.47 1.94 -2.54
CA ARG A 382 4.60 3.25 -1.90
C ARG A 382 5.74 3.30 -0.86
N CYS A 383 6.08 2.17 -0.21
N CYS A 383 6.08 2.17 -0.21
CA CYS A 383 7.12 2.11 0.83
CA CYS A 383 7.13 2.12 0.81
C CYS A 383 8.50 1.59 0.32
C CYS A 383 8.52 1.75 0.22
N GLY A 384 8.54 0.98 -0.86
CA GLY A 384 9.77 0.51 -1.51
C GLY A 384 10.37 -0.77 -0.95
N GLN A 385 9.55 -1.84 -0.82
CA GLN A 385 9.92 -3.17 -0.32
C GLN A 385 10.88 -3.93 -1.24
N LEU A 386 10.94 -3.54 -2.54
CA LEU A 386 11.84 -4.09 -3.57
C LEU A 386 12.52 -2.92 -4.27
N ASP A 387 12.83 -3.06 -5.57
CA ASP A 387 13.44 -1.98 -6.32
C ASP A 387 12.53 -1.60 -7.51
N GLY A 388 11.28 -1.32 -7.19
CA GLY A 388 10.26 -0.89 -8.14
C GLY A 388 10.42 0.55 -8.56
N ASP A 389 9.33 1.14 -9.06
CA ASP A 389 9.34 2.50 -9.58
C ASP A 389 9.54 3.57 -8.48
N PRO A 390 10.57 4.45 -8.61
CA PRO A 390 10.71 5.57 -7.65
C PRO A 390 9.46 6.46 -7.61
N LYS A 391 8.77 6.64 -8.75
CA LYS A 391 7.57 7.46 -8.92
C LYS A 391 6.34 6.83 -8.23
N GLU A 392 6.32 5.50 -8.03
CA GLU A 392 5.22 4.82 -7.34
C GLU A 392 5.41 4.81 -5.79
N VAL A 393 6.29 5.70 -5.27
CA VAL A 393 6.70 5.80 -3.84
C VAL A 393 6.20 7.13 -3.25
N SER A 394 5.33 7.05 -2.22
CA SER A 394 4.74 8.21 -1.51
C SER A 394 4.33 7.91 -0.03
N PRO A 395 4.39 8.92 0.89
CA PRO A 395 4.07 8.66 2.30
C PRO A 395 2.56 8.75 2.62
N VAL A 396 1.75 7.89 1.99
CA VAL A 396 0.29 7.92 2.12
C VAL A 396 -0.19 7.27 3.46
N PHE A 397 0.53 6.28 4.01
CA PHE A 397 0.10 5.68 5.28
C PHE A 397 0.77 6.40 6.46
N THR A 398 1.80 7.21 6.16
CA THR A 398 2.54 8.04 7.10
C THR A 398 1.68 9.26 7.38
N GLN A 399 1.07 9.80 6.32
CA GLN A 399 0.16 10.94 6.37
C GLN A 399 -1.08 10.62 7.22
N PHE A 400 -1.60 9.36 7.09
CA PHE A 400 -2.74 8.81 7.82
C PHE A 400 -2.41 8.77 9.30
N LEU A 401 -1.25 8.18 9.67
CA LEU A 401 -0.81 8.08 11.05
C LEU A 401 -0.59 9.48 11.66
N GLU A 402 -0.05 10.45 10.89
CA GLU A 402 0.12 11.83 11.33
C GLU A 402 -1.24 12.47 11.61
N CYS A 403 -2.28 12.05 10.87
CA CYS A 403 -3.64 12.56 11.09
C CYS A 403 -4.19 11.97 12.40
N VAL A 404 -3.96 10.66 12.65
CA VAL A 404 -4.40 9.99 13.88
C VAL A 404 -3.64 10.63 15.10
N TRP A 405 -2.41 11.16 14.88
CA TRP A 405 -1.63 11.83 15.93
C TRP A 405 -2.31 13.14 16.29
N HIS A 406 -2.64 13.98 15.30
CA HIS A 406 -3.31 15.26 15.53
C HIS A 406 -4.62 15.08 16.33
N LEU A 407 -5.28 13.91 16.16
CA LEU A 407 -6.50 13.54 16.87
C LEU A 407 -6.23 13.22 18.35
N THR A 408 -5.06 12.60 18.66
CA THR A 408 -4.67 12.30 20.03
C THR A 408 -4.30 13.61 20.72
N GLU A 409 -3.69 14.54 19.96
CA GLU A 409 -3.31 15.88 20.43
C GLU A 409 -4.56 16.73 20.64
N GLN A 410 -5.62 16.48 19.83
CA GLN A 410 -6.91 17.17 19.89
C GLN A 410 -7.71 16.62 21.09
N PHE A 411 -7.90 15.29 21.14
CA PHE A 411 -8.65 14.60 22.20
C PHE A 411 -7.71 13.69 23.01
N PRO A 412 -7.08 14.22 24.10
CA PRO A 412 -6.09 13.42 24.85
C PRO A 412 -6.66 12.29 25.73
N GLN A 413 -8.00 12.11 25.72
CA GLN A 413 -8.68 11.08 26.50
C GLN A 413 -9.46 10.09 25.61
N ALA A 414 -9.83 10.47 24.37
CA ALA A 414 -10.63 9.62 23.49
C ALA A 414 -9.93 8.34 23.01
N PHE A 415 -8.56 8.31 22.93
CA PHE A 415 -7.84 7.14 22.43
C PHE A 415 -7.15 6.36 23.52
N GLU A 416 -7.31 5.02 23.48
CA GLU A 416 -6.70 4.02 24.39
C GLU A 416 -5.18 4.05 24.31
N PHE A 417 -4.63 4.31 23.11
CA PHE A 417 -3.19 4.36 22.85
C PHE A 417 -2.66 5.81 22.75
N SER A 418 -1.32 5.95 22.65
CA SER A 418 -0.67 7.25 22.50
C SER A 418 0.35 7.24 21.35
N GLU A 419 1.10 8.37 21.21
CA GLU A 419 2.13 8.66 20.23
C GLU A 419 3.09 7.48 20.02
N ALA A 420 3.28 6.64 21.05
CA ALA A 420 4.19 5.49 21.04
C ALA A 420 3.68 4.37 20.15
N PHE A 421 2.36 4.08 20.19
CA PHE A 421 1.74 3.02 19.39
C PHE A 421 1.82 3.33 17.90
N LEU A 422 1.59 4.61 17.52
CA LEU A 422 1.63 5.05 16.13
C LEU A 422 3.04 4.95 15.58
N LEU A 423 4.04 5.48 16.33
CA LEU A 423 5.46 5.46 15.94
C LEU A 423 6.00 4.04 15.83
N GLN A 424 5.49 3.11 16.67
CA GLN A 424 5.95 1.71 16.60
C GLN A 424 5.32 0.98 15.40
N ILE A 425 4.06 1.33 15.02
CA ILE A 425 3.42 0.78 13.82
C ILE A 425 4.21 1.31 12.59
N HIS A 426 4.58 2.62 12.64
CA HIS A 426 5.38 3.28 11.61
C HIS A 426 6.81 2.72 11.54
N GLU A 427 7.27 2.06 12.60
CA GLU A 427 8.60 1.48 12.62
C GLU A 427 8.65 0.18 11.84
N HIS A 428 7.75 -0.76 12.14
CA HIS A 428 7.75 -2.09 11.53
C HIS A 428 7.27 -2.11 10.07
N ILE A 429 6.61 -1.02 9.59
CA ILE A 429 6.20 -0.92 8.18
C ILE A 429 7.48 -0.65 7.35
N HIS A 430 8.43 0.09 7.95
CA HIS A 430 9.72 0.45 7.36
C HIS A 430 10.82 -0.53 7.77
N SER A 431 10.47 -1.58 8.53
CA SER A 431 11.45 -2.55 9.01
C SER A 431 11.25 -3.92 8.39
N CYS A 432 10.00 -4.22 7.96
CA CYS A 432 9.59 -5.49 7.35
C CYS A 432 10.05 -6.70 8.22
N GLN A 433 9.90 -6.56 9.55
CA GLN A 433 10.19 -7.58 10.55
C GLN A 433 9.04 -8.58 10.61
N PHE A 434 7.85 -8.09 10.24
CA PHE A 434 6.62 -8.87 10.26
C PHE A 434 6.00 -8.88 8.88
N GLY A 435 5.47 -10.04 8.50
CA GLY A 435 4.81 -10.24 7.21
C GLY A 435 3.37 -9.80 7.21
N ASN A 436 3.12 -8.49 7.37
CA ASN A 436 1.76 -7.94 7.43
C ASN A 436 1.51 -6.93 6.33
N PHE A 437 2.50 -6.09 6.07
CA PHE A 437 2.45 -5.03 5.08
C PHE A 437 3.33 -5.40 3.87
N LEU A 438 3.58 -6.71 3.70
CA LEU A 438 4.41 -7.20 2.61
C LEU A 438 3.56 -7.45 1.36
N GLY A 439 3.83 -6.64 0.33
CA GLY A 439 3.12 -6.70 -0.94
C GLY A 439 2.27 -5.46 -1.17
N ASN A 440 1.36 -5.55 -2.14
CA ASN A 440 0.46 -4.46 -2.52
C ASN A 440 -1.01 -4.86 -2.37
N CYS A 441 -1.32 -6.18 -2.31
CA CYS A 441 -2.69 -6.68 -2.19
C CYS A 441 -2.71 -8.06 -1.51
N GLN A 442 -3.91 -8.49 -1.07
CA GLN A 442 -4.11 -9.76 -0.39
C GLN A 442 -3.94 -10.99 -1.29
N LYS A 443 -4.05 -10.82 -2.63
CA LYS A 443 -3.89 -11.93 -3.58
C LYS A 443 -2.43 -12.41 -3.58
N GLU A 444 -1.45 -11.48 -3.63
CA GLU A 444 -0.04 -11.83 -3.62
C GLU A 444 0.41 -12.28 -2.23
N ARG A 445 -0.13 -11.68 -1.14
CA ARG A 445 0.16 -12.07 0.25
C ARG A 445 -0.10 -13.56 0.47
N GLU A 446 -1.16 -14.09 -0.18
CA GLU A 446 -1.52 -15.50 -0.12
C GLU A 446 -0.61 -16.33 -1.04
N GLU A 447 -0.17 -15.72 -2.16
CA GLU A 447 0.70 -16.35 -3.17
C GLU A 447 2.13 -16.48 -2.63
N LEU A 448 2.55 -15.52 -1.80
CA LEU A 448 3.88 -15.47 -1.17
C LEU A 448 3.94 -16.38 0.06
N LYS A 449 2.79 -16.96 0.46
CA LYS A 449 2.59 -17.86 1.60
C LYS A 449 3.15 -17.26 2.90
N LEU A 450 2.82 -15.96 3.13
CA LEU A 450 3.21 -15.14 4.29
C LEU A 450 2.68 -15.73 5.61
N LYS A 451 1.48 -16.34 5.60
CA LYS A 451 0.85 -16.94 6.77
C LYS A 451 1.55 -18.24 7.21
N GLU A 452 2.54 -18.71 6.43
CA GLU A 452 3.29 -19.93 6.73
C GLU A 452 4.82 -19.67 6.76
N LYS A 453 5.29 -18.60 6.08
CA LYS A 453 6.70 -18.26 5.98
C LYS A 453 7.14 -17.12 6.91
N THR A 454 6.21 -16.24 7.37
CA THR A 454 6.59 -15.12 8.24
C THR A 454 5.83 -15.13 9.61
N TYR A 455 5.90 -13.99 10.35
CA TYR A 455 5.30 -13.77 11.68
C TYR A 455 4.52 -12.46 11.71
N SER A 456 3.36 -12.43 12.43
CA SER A 456 2.43 -11.29 12.54
C SER A 456 2.85 -10.23 13.59
N LEU A 457 2.71 -8.94 13.26
CA LEU A 457 3.05 -7.80 14.13
C LEU A 457 2.03 -7.61 15.23
N TRP A 458 0.75 -7.65 14.87
CA TRP A 458 -0.37 -7.40 15.78
C TRP A 458 -0.24 -8.16 17.13
N PRO A 459 0.04 -9.49 17.20
CA PRO A 459 0.16 -10.14 18.53
C PRO A 459 1.45 -9.78 19.27
N PHE A 460 2.42 -9.15 18.57
CA PHE A 460 3.69 -8.68 19.14
C PHE A 460 3.40 -7.42 19.98
N LEU A 461 2.60 -6.49 19.44
CA LEU A 461 2.18 -5.25 20.11
C LEU A 461 1.13 -5.54 21.21
N LEU A 462 0.45 -6.70 21.11
CA LEU A 462 -0.56 -7.20 22.06
C LEU A 462 0.13 -7.90 23.26
N GLU A 463 1.38 -7.49 23.53
CA GLU A 463 2.23 -7.96 24.62
C GLU A 463 2.78 -6.76 25.38
N ASP A 464 3.28 -5.73 24.64
CA ASP A 464 3.89 -4.53 25.19
C ASP A 464 2.87 -3.35 25.29
N GLN A 465 1.56 -3.68 25.38
CA GLN A 465 0.43 -2.74 25.48
C GLN A 465 0.68 -1.59 26.47
N LYS A 466 1.28 -1.90 27.65
CA LYS A 466 1.59 -1.02 28.78
C LYS A 466 2.24 0.31 28.37
N LYS A 467 3.30 0.26 27.53
CA LYS A 467 4.04 1.44 27.04
C LYS A 467 3.19 2.30 26.09
N TYR A 468 2.43 1.66 25.19
CA TYR A 468 1.62 2.35 24.19
C TYR A 468 0.35 2.94 24.77
N LEU A 469 -0.15 2.32 25.87
CA LEU A 469 -1.39 2.63 26.57
C LEU A 469 -1.47 4.08 27.08
N ASN A 470 -2.61 4.72 26.84
CA ASN A 470 -2.87 6.07 27.34
C ASN A 470 -3.55 5.93 28.72
N PRO A 471 -2.87 6.39 29.79
CA PRO A 471 -3.45 6.26 31.15
C PRO A 471 -4.57 7.26 31.41
N LEU A 472 -4.62 8.34 30.63
CA LEU A 472 -5.58 9.44 30.73
C LEU A 472 -6.88 9.09 29.95
N TYR A 473 -6.97 7.85 29.44
CA TYR A 473 -8.08 7.39 28.60
C TYR A 473 -9.32 7.03 29.40
N SER A 474 -10.45 7.55 28.92
CA SER A 474 -11.80 7.37 29.41
C SER A 474 -12.31 5.97 29.04
N SER A 475 -12.49 5.10 30.06
CA SER A 475 -13.02 3.75 29.90
C SER A 475 -14.44 3.84 29.26
N GLU A 476 -14.53 3.54 27.94
CA GLU A 476 -15.72 3.57 27.06
C GLU A 476 -16.26 5.01 26.90
N PHE A 480 -18.78 6.48 23.39
CA PHE A 480 -19.62 5.99 22.29
C PHE A 480 -20.23 7.13 21.44
N THR A 481 -19.54 8.30 21.37
CA THR A 481 -20.02 9.45 20.59
C THR A 481 -19.16 9.68 19.30
N VAL A 482 -19.43 10.80 18.58
CA VAL A 482 -18.73 11.19 17.36
C VAL A 482 -17.81 12.42 17.65
N LEU A 483 -16.49 12.26 17.43
CA LEU A 483 -15.45 13.29 17.63
C LEU A 483 -15.57 14.43 16.63
N GLU A 484 -15.40 15.68 17.10
CA GLU A 484 -15.49 16.88 16.26
C GLU A 484 -14.13 17.62 16.20
N PRO A 485 -13.18 17.18 15.32
CA PRO A 485 -11.89 17.88 15.23
C PRO A 485 -11.99 19.19 14.46
N ASN A 486 -11.31 20.22 14.98
CA ASN A 486 -11.30 21.55 14.39
C ASN A 486 -10.06 21.75 13.49
N THR A 487 -10.22 22.61 12.48
CA THR A 487 -9.22 22.96 11.48
C THR A 487 -9.40 24.44 11.13
N VAL A 488 -8.36 25.27 11.38
CA VAL A 488 -8.34 26.72 11.10
C VAL A 488 -6.88 27.17 10.82
N SER A 489 -6.07 26.28 10.19
CA SER A 489 -4.66 26.44 9.79
C SER A 489 -3.70 26.51 11.00
N PHE A 490 -4.07 27.30 12.06
CA PHE A 490 -3.30 27.54 13.27
C PHE A 490 -3.05 26.26 14.12
N ASN A 491 -4.12 25.54 14.53
CA ASN A 491 -4.04 24.34 15.39
C ASN A 491 -3.09 23.24 14.85
N PHE A 492 -3.00 23.09 13.51
CA PHE A 492 -2.12 22.11 12.87
C PHE A 492 -0.65 22.54 12.94
N LYS A 493 0.18 21.73 13.64
CA LYS A 493 1.61 21.97 13.77
C LYS A 493 2.43 20.67 13.79
N PHE A 494 3.60 20.73 13.13
CA PHE A 494 4.71 19.77 12.92
C PHE A 494 4.83 18.60 13.93
N TRP A 495 5.12 17.39 13.43
CA TRP A 495 5.32 16.19 14.24
C TRP A 495 6.84 15.82 14.21
N ARG A 496 7.60 16.43 15.14
CA ARG A 496 9.05 16.29 15.30
C ARG A 496 9.51 14.82 15.50
N ASN A 497 8.71 14.01 16.23
CA ASN A 497 9.02 12.59 16.50
C ASN A 497 8.83 11.72 15.26
N MET A 498 8.03 12.19 14.27
CA MET A 498 7.83 11.51 12.99
C MET A 498 9.08 11.74 12.14
N TYR A 499 9.39 13.03 11.86
CA TYR A 499 10.52 13.53 11.08
C TYR A 499 11.86 12.96 11.57
N HIS A 500 11.94 12.66 12.89
CA HIS A 500 13.12 12.09 13.54
C HIS A 500 13.38 10.65 13.06
N GLN A 501 12.32 9.88 12.73
CA GLN A 501 12.51 8.49 12.27
C GLN A 501 13.23 8.39 10.92
N PHE A 502 13.02 9.37 10.03
CA PHE A 502 13.68 9.41 8.71
C PHE A 502 15.14 9.79 8.92
N ASP A 503 15.43 10.85 9.69
CA ASP A 503 16.81 11.25 10.04
C ASP A 503 16.88 11.54 11.54
N ARG A 504 17.71 10.78 12.26
CA ARG A 504 17.80 10.90 13.72
C ARG A 504 18.82 11.97 14.15
N THR A 505 18.63 13.21 13.66
CA THR A 505 19.47 14.38 14.00
C THR A 505 18.56 15.57 14.43
#